data_9E34
#
_entry.id   9E34
#
_cell.length_a   68.007
_cell.length_b   73.439
_cell.length_c   112.975
_cell.angle_alpha   90.000
_cell.angle_beta   90.000
_cell.angle_gamma   90.000
#
_symmetry.space_group_name_H-M   'P 21 21 21'
#
loop_
_entity.id
_entity.type
_entity.pdbx_description
1 polymer 'Phosphoenolpyruvate carboxykinase [GTP]'
2 non-polymer 'MANGANESE (II) ION'
3 non-polymer PHOSPHOENOLPYRUVATE
4 non-polymer DI(HYDROXYETHYL)ETHER
5 water water
#
_entity_poly.entity_id   1
_entity_poly.type   'polypeptide(L)'
_entity_poly.pdbx_seq_one_letter_code
;MNQPAMQGNNLNTPAYVKNAKLIAWVADMVALCKPDTVYWCDGSDAEYQRLCQQLVDAGTFKKLNEAKRPNSYLACSDPS
DVARVEDRTYICSAKEENAGPTNNWMEPSEMRATLQPLFDGCMRGRTMYVVPFSMGPLGSPIAHIGIELSDSPYVAVNMK
IMTRMGKAVFEVLGTEGDFVPCVHTVGAPLAEGEQDVTWPCNKTKYIVHYPETREIWSYGSGYGGNALLGKKCFALRIAS
NMGRDEGWLAEHMLILGVTNPEGKKYHVAAAFPSACGKTNFSMLVPPAGFDGWSVTTIGDDIAWIKPAADGKLYAINPEA
GYFGVAPGTNMLTNPNCMLSVRGNTIFTNVALTDDGDVWWEGMEQDAPGKALPDHLIDWQGKDWTPQIAKETGAKAAHPN
SRFTVAATNNPALDSAWDDPKGVAIDAFIFGGRRSTTVPLVTEARSWVEGVYMAATMGSETTAAATGQAGVVRRDPFAML
PFMGYNMSDYFQHWLDLGKKLAASGATLPKIYTTNWFRKGTDGKFVWPGYGENMRVLAWMIDRIEGKGQGEDHVTGISPS
YEDLNWTGLDFSADQFNTVTSIDKAAWLKELELHAELFKQLEHHLPKELGETKAEIERRLAA
;
_entity_poly.pdbx_strand_id   A
#
loop_
_chem_comp.id
_chem_comp.type
_chem_comp.name
_chem_comp.formula
MN non-polymer 'MANGANESE (II) ION' 'Mn 2'
PEG non-polymer DI(HYDROXYETHYL)ETHER 'C4 H10 O3'
PEP non-polymer PHOSPHOENOLPYRUVATE 'C3 H5 O6 P'
#
# COMPACT_ATOMS: atom_id res chain seq x y z
N MET A 6 -9.66 -23.31 33.22
CA MET A 6 -10.52 -23.93 32.22
C MET A 6 -10.63 -23.07 30.98
N GLN A 7 -10.75 -21.75 31.19
CA GLN A 7 -10.82 -20.81 30.08
C GLN A 7 -9.63 -21.00 29.14
N GLY A 8 -8.41 -20.78 29.66
CA GLY A 8 -7.22 -20.96 28.83
C GLY A 8 -7.18 -22.33 28.16
N ASN A 9 -7.65 -23.37 28.85
CA ASN A 9 -7.66 -24.71 28.28
C ASN A 9 -8.65 -24.83 27.11
N ASN A 10 -9.77 -24.11 27.19
CA ASN A 10 -10.72 -24.12 26.08
C ASN A 10 -10.27 -23.23 24.92
N LEU A 11 -9.33 -22.32 25.16
CA LEU A 11 -8.74 -21.53 24.09
C LEU A 11 -7.52 -22.20 23.47
N ASN A 12 -7.13 -23.37 23.98
CA ASN A 12 -5.89 -24.03 23.55
C ASN A 12 -4.69 -23.08 23.63
N THR A 13 -4.67 -22.27 24.69
CA THR A 13 -3.64 -21.24 24.81
C THR A 13 -2.27 -21.89 24.96
N PRO A 14 -1.30 -21.53 24.13
CA PRO A 14 0.04 -22.09 24.28
C PRO A 14 0.73 -21.57 25.54
N ALA A 15 1.70 -22.37 26.00
CA ALA A 15 2.43 -22.04 27.22
C ALA A 15 3.24 -20.75 27.08
N TYR A 16 3.63 -20.37 25.87
CA TYR A 16 4.43 -19.17 25.69
C TYR A 16 3.60 -17.89 25.73
N VAL A 17 2.27 -17.97 25.81
CA VAL A 17 1.42 -16.79 25.88
C VAL A 17 1.25 -16.43 27.36
N LYS A 18 1.93 -15.39 27.80
CA LYS A 18 1.99 -14.98 29.20
C LYS A 18 1.17 -13.73 29.50
N ASN A 19 0.41 -13.22 28.54
CA ASN A 19 -0.19 -11.89 28.61
C ASN A 19 -1.67 -12.04 28.98
N ALA A 20 -2.03 -11.68 30.21
CA ALA A 20 -3.36 -11.97 30.71
C ALA A 20 -4.44 -11.14 30.02
N LYS A 21 -4.15 -9.87 29.72
CA LYS A 21 -5.11 -9.02 29.02
C LYS A 21 -5.41 -9.60 27.63
N LEU A 22 -4.37 -10.05 26.93
CA LEU A 22 -4.56 -10.67 25.62
C LEU A 22 -5.46 -11.89 25.72
N ILE A 23 -5.15 -12.81 26.65
CA ILE A 23 -5.92 -14.04 26.76
C ILE A 23 -7.37 -13.73 27.10
N ALA A 24 -7.59 -12.73 27.96
CA ALA A 24 -8.96 -12.34 28.31
C ALA A 24 -9.71 -11.83 27.10
N TRP A 25 -9.04 -11.05 26.24
CA TRP A 25 -9.69 -10.53 25.03
C TRP A 25 -9.99 -11.66 24.05
N VAL A 26 -9.04 -12.56 23.82
CA VAL A 26 -9.31 -13.72 22.96
C VAL A 26 -10.50 -14.48 23.50
N ALA A 27 -10.56 -14.65 24.83
CA ALA A 27 -11.69 -15.39 25.39
C ALA A 27 -13.02 -14.67 25.13
N ASP A 28 -13.04 -13.34 25.25
CA ASP A 28 -14.27 -12.60 24.97
C ASP A 28 -14.68 -12.74 23.52
N MET A 29 -13.70 -12.71 22.61
CA MET A 29 -14.03 -12.85 21.19
C MET A 29 -14.46 -14.27 20.83
N VAL A 30 -13.85 -15.27 21.48
CA VAL A 30 -14.30 -16.65 21.28
C VAL A 30 -15.72 -16.81 21.82
N ALA A 31 -16.02 -16.17 22.95
CA ALA A 31 -17.38 -16.23 23.48
C ALA A 31 -18.37 -15.64 22.49
N LEU A 32 -18.00 -14.54 21.83
CA LEU A 32 -18.86 -13.89 20.86
C LEU A 32 -18.94 -14.71 19.57
N CYS A 33 -17.79 -15.00 18.96
CA CYS A 33 -17.79 -15.56 17.61
C CYS A 33 -18.10 -17.05 17.57
N LYS A 34 -17.87 -17.76 18.66
CA LYS A 34 -18.19 -19.18 18.81
C LYS A 34 -17.58 -20.06 17.72
N PRO A 35 -16.27 -19.99 17.51
CA PRO A 35 -15.64 -20.96 16.61
C PRO A 35 -15.77 -22.36 17.20
N ASP A 36 -15.76 -23.35 16.33
CA ASP A 36 -15.73 -24.72 16.80
C ASP A 36 -14.45 -25.01 17.57
N THR A 37 -13.32 -24.48 17.08
CA THR A 37 -12.03 -24.72 17.69
C THR A 37 -11.17 -23.47 17.56
N VAL A 38 -10.22 -23.31 18.47
CA VAL A 38 -9.29 -22.19 18.46
C VAL A 38 -7.90 -22.75 18.20
N TYR A 39 -7.19 -22.17 17.22
CA TYR A 39 -5.84 -22.56 16.86
C TYR A 39 -4.94 -21.35 16.89
N TRP A 40 -3.86 -21.42 17.66
CA TRP A 40 -2.89 -20.33 17.75
C TRP A 40 -1.81 -20.54 16.70
N CYS A 41 -1.61 -19.55 15.84
CA CYS A 41 -0.61 -19.67 14.78
C CYS A 41 0.77 -19.38 15.34
N ASP A 42 1.69 -20.34 15.21
CA ASP A 42 3.04 -20.11 15.65
C ASP A 42 3.93 -19.51 14.59
N GLY A 43 3.44 -19.38 13.35
CA GLY A 43 4.24 -18.83 12.28
C GLY A 43 5.28 -19.76 11.69
N SER A 44 5.26 -21.05 12.03
CA SER A 44 6.28 -21.95 11.51
C SER A 44 6.09 -22.23 10.02
N ASP A 45 7.17 -22.64 9.36
CA ASP A 45 7.04 -23.01 7.96
C ASP A 45 6.18 -24.24 7.80
N ALA A 46 6.28 -25.20 8.74
CA ALA A 46 5.44 -26.39 8.64
C ALA A 46 3.97 -26.05 8.78
N GLU A 47 3.66 -25.14 9.72
CA GLU A 47 2.29 -24.66 9.88
C GLU A 47 1.78 -24.02 8.60
N TYR A 48 2.62 -23.18 7.99
CA TYR A 48 2.26 -22.58 6.70
C TYR A 48 1.96 -23.65 5.65
N GLN A 49 2.84 -24.64 5.53
CA GLN A 49 2.61 -25.72 4.57
C GLN A 49 1.32 -26.49 4.88
N ARG A 50 1.07 -26.78 6.17
CA ARG A 50 -0.15 -27.48 6.55
C ARG A 50 -1.38 -26.65 6.23
N LEU A 51 -1.34 -25.33 6.51
CA LEU A 51 -2.48 -24.49 6.17
C LEU A 51 -2.66 -24.40 4.66
N CYS A 52 -1.56 -24.30 3.91
CA CYS A 52 -1.69 -24.30 2.45
C CYS A 52 -2.34 -25.60 2.00
N GLN A 53 -1.98 -26.72 2.63
CA GLN A 53 -2.58 -28.00 2.25
C GLN A 53 -4.06 -28.04 2.61
N GLN A 54 -4.43 -27.49 3.78
CA GLN A 54 -5.86 -27.38 4.11
C GLN A 54 -6.60 -26.56 3.06
N LEU A 55 -5.95 -25.51 2.55
CA LEU A 55 -6.59 -24.69 1.51
C LEU A 55 -6.71 -25.45 0.20
N VAL A 56 -5.71 -26.28 -0.11
CA VAL A 56 -5.81 -27.14 -1.29
C VAL A 56 -6.95 -28.15 -1.12
N ASP A 57 -7.03 -28.77 0.07
CA ASP A 57 -8.07 -29.78 0.31
C ASP A 57 -9.47 -29.17 0.23
N ALA A 58 -9.62 -27.88 0.58
CA ALA A 58 -10.91 -27.20 0.48
C ALA A 58 -11.24 -26.76 -0.93
N GLY A 59 -10.27 -26.76 -1.85
CA GLY A 59 -10.46 -26.19 -3.16
C GLY A 59 -10.19 -24.71 -3.26
N THR A 60 -9.83 -24.05 -2.16
CA THR A 60 -9.50 -22.63 -2.24
C THR A 60 -8.20 -22.40 -3.01
N PHE A 61 -7.23 -23.27 -2.83
CA PHE A 61 -5.93 -23.19 -3.50
C PHE A 61 -5.83 -24.31 -4.53
N LYS A 62 -5.18 -24.00 -5.64
CA LYS A 62 -4.58 -24.99 -6.52
C LYS A 62 -3.08 -24.82 -6.45
N LYS A 63 -2.35 -25.91 -6.20
CA LYS A 63 -0.90 -25.81 -6.20
C LYS A 63 -0.40 -25.72 -7.63
N LEU A 64 0.49 -24.76 -7.90
CA LEU A 64 0.98 -24.55 -9.24
C LEU A 64 2.06 -25.57 -9.57
N ASN A 65 2.37 -25.69 -10.87
CA ASN A 65 3.36 -26.67 -11.28
C ASN A 65 4.71 -26.36 -10.66
N GLU A 66 5.30 -27.37 -10.00
CA GLU A 66 6.53 -27.17 -9.23
C GLU A 66 7.74 -26.89 -10.12
N ALA A 67 7.69 -27.26 -11.40
CA ALA A 67 8.79 -26.92 -12.30
C ALA A 67 8.65 -25.51 -12.86
N LYS A 68 7.43 -25.00 -12.96
CA LYS A 68 7.23 -23.65 -13.47
C LYS A 68 7.32 -22.60 -12.37
N ARG A 69 6.80 -22.92 -11.18
CA ARG A 69 6.48 -21.91 -10.17
C ARG A 69 6.53 -22.61 -8.81
N PRO A 70 7.74 -22.86 -8.28
CA PRO A 70 7.86 -23.72 -7.09
C PRO A 70 7.19 -23.15 -5.86
N ASN A 71 6.61 -24.06 -5.07
CA ASN A 71 5.95 -23.76 -3.79
C ASN A 71 5.02 -22.56 -3.90
N SER A 72 4.17 -22.58 -4.92
CA SER A 72 3.27 -21.47 -5.19
C SER A 72 1.86 -21.98 -5.41
N TYR A 73 0.89 -21.10 -5.16
CA TYR A 73 -0.51 -21.46 -5.12
C TYR A 73 -1.33 -20.40 -5.82
N LEU A 74 -2.45 -20.84 -6.39
CA LEU A 74 -3.42 -19.96 -7.03
C LEU A 74 -4.75 -20.07 -6.29
N ALA A 75 -5.29 -18.94 -5.88
CA ALA A 75 -6.61 -18.86 -5.29
C ALA A 75 -7.50 -17.98 -6.17
N CYS A 76 -8.76 -18.36 -6.31
CA CYS A 76 -9.71 -17.54 -7.04
C CYS A 76 -10.87 -17.24 -6.14
N SER A 77 -11.29 -15.97 -6.11
CA SER A 77 -12.30 -15.57 -5.17
C SER A 77 -13.68 -15.47 -5.81
N ASP A 78 -14.69 -15.43 -4.94
CA ASP A 78 -16.04 -15.10 -5.35
C ASP A 78 -16.06 -13.76 -6.07
N PRO A 79 -16.79 -13.65 -7.19
CA PRO A 79 -16.78 -12.39 -7.96
C PRO A 79 -17.35 -11.20 -7.21
N SER A 80 -18.05 -11.43 -6.09
CA SER A 80 -18.50 -10.32 -5.25
C SER A 80 -17.44 -9.83 -4.29
N ASP A 81 -16.31 -10.53 -4.18
CA ASP A 81 -15.30 -10.30 -3.15
C ASP A 81 -13.95 -10.25 -3.84
N VAL A 82 -13.65 -9.14 -4.52
CA VAL A 82 -12.47 -9.03 -5.38
C VAL A 82 -11.61 -7.82 -5.06
N ALA A 83 -11.98 -7.00 -4.09
CA ALA A 83 -11.27 -5.75 -3.81
C ALA A 83 -11.71 -5.17 -2.47
N ARG A 84 -10.89 -4.26 -1.94
CA ARG A 84 -11.33 -3.37 -0.86
C ARG A 84 -12.66 -2.72 -1.21
N VAL A 85 -13.55 -2.61 -0.22
CA VAL A 85 -14.86 -1.99 -0.44
C VAL A 85 -14.92 -0.70 0.40
N GLU A 86 -14.64 0.44 -0.24
CA GLU A 86 -14.54 1.70 0.48
C GLU A 86 -15.88 2.13 1.07
N ASP A 87 -16.99 1.83 0.38
CA ASP A 87 -18.30 2.25 0.88
C ASP A 87 -18.72 1.51 2.14
N ARG A 88 -18.06 0.39 2.46
CA ARG A 88 -18.37 -0.39 3.64
C ARG A 88 -17.31 -0.22 4.72
N THR A 89 -16.40 0.75 4.57
CA THR A 89 -15.28 0.98 5.47
C THR A 89 -15.57 2.23 6.31
N TYR A 90 -15.45 2.10 7.64
CA TYR A 90 -15.91 3.15 8.55
C TYR A 90 -14.82 3.51 9.54
N ILE A 91 -14.75 4.81 9.85
CA ILE A 91 -14.00 5.31 10.98
C ILE A 91 -15.02 5.73 12.05
N CYS A 92 -15.11 4.98 13.14
CA CYS A 92 -16.12 5.26 14.17
C CYS A 92 -15.45 5.91 15.38
N SER A 93 -14.99 7.13 15.14
CA SER A 93 -14.51 7.98 16.21
C SER A 93 -15.69 8.43 17.09
N ALA A 94 -15.37 8.83 18.31
CA ALA A 94 -16.40 9.34 19.21
C ALA A 94 -17.18 10.50 18.59
N LYS A 95 -16.48 11.42 17.92
CA LYS A 95 -17.12 12.56 17.27
C LYS A 95 -16.99 12.44 15.76
N GLU A 96 -18.08 12.79 15.05
CA GLU A 96 -18.08 12.72 13.59
C GLU A 96 -16.99 13.58 12.98
N GLU A 97 -16.68 14.73 13.60
CA GLU A 97 -15.69 15.63 13.04
C GLU A 97 -14.30 15.02 13.00
N ASN A 98 -14.03 14.00 13.83
CA ASN A 98 -12.71 13.38 13.83
C ASN A 98 -12.63 12.20 12.87
N ALA A 99 -13.70 11.93 12.15
CA ALA A 99 -13.66 11.08 10.96
C ALA A 99 -13.49 11.95 9.73
N GLY A 100 -14.31 13.00 9.64
CA GLY A 100 -14.17 14.00 8.61
C GLY A 100 -14.78 13.63 7.29
N PRO A 101 -14.67 14.52 6.31
CA PRO A 101 -15.41 14.34 5.05
C PRO A 101 -14.88 13.24 4.14
N THR A 102 -13.67 12.72 4.35
CA THR A 102 -13.16 11.66 3.49
C THR A 102 -13.45 10.27 4.05
N ASN A 103 -14.14 10.18 5.16
CA ASN A 103 -14.37 8.92 5.85
C ASN A 103 -15.87 8.72 6.07
N ASN A 104 -16.28 7.46 6.12
CA ASN A 104 -17.64 7.10 6.52
C ASN A 104 -17.69 6.99 8.03
N TRP A 105 -18.69 7.63 8.64
CA TRP A 105 -18.78 7.69 10.09
C TRP A 105 -20.09 7.10 10.57
N MET A 106 -20.04 6.54 11.77
CA MET A 106 -21.22 6.15 12.53
C MET A 106 -20.88 6.28 14.01
N GLU A 107 -21.84 6.77 14.80
CA GLU A 107 -21.66 6.79 16.23
C GLU A 107 -21.19 5.42 16.71
N PRO A 108 -20.11 5.34 17.50
CA PRO A 108 -19.55 4.03 17.85
C PRO A 108 -20.56 3.09 18.50
N SER A 109 -21.37 3.58 19.43
CA SER A 109 -22.32 2.69 20.10
C SER A 109 -23.33 2.12 19.13
N GLU A 110 -23.72 2.89 18.11
CA GLU A 110 -24.61 2.38 17.08
C GLU A 110 -23.92 1.31 16.24
N MET A 111 -22.65 1.54 15.88
CA MET A 111 -21.95 0.53 15.11
C MET A 111 -21.76 -0.75 15.92
N ARG A 112 -21.44 -0.61 17.20
CA ARG A 112 -21.26 -1.79 18.04
C ARG A 112 -22.54 -2.61 18.10
N ALA A 113 -23.70 -1.92 18.18
CA ALA A 113 -24.99 -2.60 18.15
C ALA A 113 -25.28 -3.23 16.80
N THR A 114 -24.77 -2.63 15.71
CA THR A 114 -24.93 -3.23 14.39
C THR A 114 -24.07 -4.48 14.23
N LEU A 115 -22.83 -4.44 14.73
CA LEU A 115 -21.90 -5.54 14.50
C LEU A 115 -22.09 -6.72 15.45
N GLN A 116 -22.62 -6.48 16.66
N GLN A 116 -22.62 -6.48 16.65
CA GLN A 116 -22.72 -7.58 17.63
CA GLN A 116 -22.72 -7.58 17.63
C GLN A 116 -23.54 -8.75 17.09
C GLN A 116 -23.54 -8.75 17.11
N PRO A 117 -24.76 -8.58 16.57
CA PRO A 117 -25.48 -9.74 16.05
C PRO A 117 -24.82 -10.37 14.85
N LEU A 118 -24.09 -9.61 14.03
CA LEU A 118 -23.39 -10.22 12.89
C LEU A 118 -22.23 -11.09 13.37
N PHE A 119 -21.48 -10.65 14.37
CA PHE A 119 -20.35 -11.43 14.87
C PHE A 119 -20.77 -12.52 15.85
N ASP A 120 -21.98 -12.45 16.40
CA ASP A 120 -22.46 -13.49 17.32
C ASP A 120 -22.62 -14.79 16.55
N GLY A 121 -21.75 -15.76 16.83
CA GLY A 121 -21.80 -17.06 16.18
C GLY A 121 -21.26 -17.08 14.78
N CYS A 122 -20.54 -16.03 14.37
CA CYS A 122 -20.10 -15.95 12.98
C CYS A 122 -19.16 -17.09 12.60
N MET A 123 -18.41 -17.64 13.56
CA MET A 123 -17.41 -18.67 13.29
C MET A 123 -17.89 -20.07 13.61
N ARG A 124 -19.20 -20.25 13.85
CA ARG A 124 -19.75 -21.59 14.04
C ARG A 124 -19.37 -22.47 12.86
N GLY A 125 -18.86 -23.66 13.16
CA GLY A 125 -18.44 -24.59 12.13
C GLY A 125 -17.06 -24.33 11.57
N ARG A 126 -16.35 -23.33 12.10
CA ARG A 126 -15.03 -22.96 11.61
C ARG A 126 -14.03 -22.94 12.74
N THR A 127 -12.76 -22.94 12.35
CA THR A 127 -11.64 -22.72 13.25
C THR A 127 -11.35 -21.24 13.32
N MET A 128 -11.14 -20.73 14.53
CA MET A 128 -10.58 -19.40 14.70
C MET A 128 -9.07 -19.54 14.74
N TYR A 129 -8.40 -18.87 13.80
CA TYR A 129 -6.96 -18.73 13.78
C TYR A 129 -6.56 -17.48 14.54
N VAL A 130 -5.74 -17.66 15.57
CA VAL A 130 -5.14 -16.54 16.30
C VAL A 130 -3.82 -16.21 15.61
N VAL A 131 -3.77 -15.05 14.97
CA VAL A 131 -2.64 -14.61 14.16
C VAL A 131 -1.90 -13.46 14.85
N PRO A 132 -0.85 -13.76 15.62
CA PRO A 132 -0.07 -12.69 16.24
C PRO A 132 0.96 -12.16 15.26
N PHE A 133 1.14 -10.84 15.24
CA PHE A 133 2.08 -10.30 14.27
C PHE A 133 2.67 -8.99 14.78
N SER A 134 3.90 -8.72 14.33
CA SER A 134 4.55 -7.45 14.57
C SER A 134 4.56 -6.65 13.27
N MET A 135 4.15 -5.39 13.36
CA MET A 135 4.30 -4.44 12.26
C MET A 135 5.58 -3.68 12.56
N GLY A 136 6.60 -3.93 11.75
CA GLY A 136 7.93 -3.44 12.02
C GLY A 136 8.81 -4.54 12.59
N PRO A 137 10.12 -4.36 12.51
CA PRO A 137 11.05 -5.39 13.00
C PRO A 137 10.75 -5.81 14.44
N LEU A 138 10.89 -7.10 14.70
CA LEU A 138 10.44 -7.67 15.97
C LEU A 138 11.22 -7.12 17.15
N GLY A 139 10.55 -7.02 18.29
CA GLY A 139 11.15 -6.54 19.53
C GLY A 139 11.60 -5.08 19.47
N SER A 140 11.53 -4.49 18.28
CA SER A 140 12.06 -3.16 18.06
C SER A 140 11.33 -2.15 18.94
N PRO A 141 11.99 -1.03 19.27
CA PRO A 141 11.28 0.05 19.97
C PRO A 141 10.19 0.71 19.13
N ILE A 142 10.23 0.60 17.81
CA ILE A 142 9.30 1.32 16.95
C ILE A 142 8.25 0.42 16.33
N ALA A 143 8.25 -0.87 16.67
CA ALA A 143 7.25 -1.80 16.15
C ALA A 143 6.02 -1.82 17.03
N HIS A 144 4.88 -2.15 16.42
CA HIS A 144 3.63 -2.32 17.16
C HIS A 144 3.07 -3.70 16.88
N ILE A 145 2.55 -4.34 17.91
CA ILE A 145 2.04 -5.70 17.83
C ILE A 145 0.55 -5.66 17.55
N GLY A 146 0.09 -6.53 16.66
CA GLY A 146 -1.33 -6.75 16.47
C GLY A 146 -1.65 -8.20 16.69
N ILE A 147 -2.91 -8.50 16.99
CA ILE A 147 -3.42 -9.85 17.01
C ILE A 147 -4.66 -9.86 16.14
N GLU A 148 -4.67 -10.67 15.10
CA GLU A 148 -5.85 -10.81 14.27
C GLU A 148 -6.46 -12.17 14.54
N LEU A 149 -7.72 -12.18 14.95
CA LEU A 149 -8.52 -13.40 15.03
C LEU A 149 -9.26 -13.54 13.70
N SER A 150 -9.12 -14.67 13.05
CA SER A 150 -9.77 -14.82 11.74
C SER A 150 -10.28 -16.25 11.57
N ASP A 151 -11.38 -16.40 10.85
CA ASP A 151 -11.81 -17.75 10.51
C ASP A 151 -11.38 -18.16 9.11
N SER A 152 -10.42 -17.46 8.51
CA SER A 152 -9.95 -17.80 7.17
C SER A 152 -8.51 -18.28 7.15
N PRO A 153 -8.24 -19.53 6.77
CA PRO A 153 -6.84 -19.95 6.61
C PRO A 153 -6.13 -19.17 5.52
N TYR A 154 -6.86 -18.66 4.52
CA TYR A 154 -6.23 -17.79 3.53
C TYR A 154 -5.64 -16.56 4.19
N VAL A 155 -6.37 -15.98 5.15
CA VAL A 155 -5.82 -14.83 5.88
C VAL A 155 -4.58 -15.25 6.66
N ALA A 156 -4.61 -16.43 7.30
CA ALA A 156 -3.46 -16.85 8.08
C ALA A 156 -2.20 -17.01 7.23
N VAL A 157 -2.30 -17.64 6.06
CA VAL A 157 -1.08 -17.85 5.26
C VAL A 157 -0.60 -16.54 4.64
N ASN A 158 -1.53 -15.67 4.23
CA ASN A 158 -1.08 -14.41 3.64
C ASN A 158 -0.47 -13.51 4.70
N MET A 159 -1.02 -13.55 5.93
CA MET A 159 -0.42 -12.78 7.02
C MET A 159 0.97 -13.30 7.38
N LYS A 160 1.22 -14.61 7.22
CA LYS A 160 2.56 -15.13 7.44
C LYS A 160 3.56 -14.46 6.52
N ILE A 161 3.19 -14.23 5.26
CA ILE A 161 4.08 -13.60 4.30
C ILE A 161 4.17 -12.09 4.53
N MET A 162 3.05 -11.45 4.84
N MET A 162 3.05 -11.46 4.86
CA MET A 162 2.98 -9.99 4.83
CA MET A 162 2.97 -10.00 4.84
C MET A 162 3.46 -9.34 6.11
C MET A 162 3.37 -9.33 6.13
N THR A 163 3.53 -10.08 7.22
CA THR A 163 3.91 -9.53 8.52
C THR A 163 4.94 -10.44 9.15
N ARG A 164 5.54 -9.99 10.24
CA ARG A 164 6.35 -10.84 11.09
C ARG A 164 5.40 -11.52 12.07
N MET A 165 5.08 -12.77 11.79
CA MET A 165 3.93 -13.47 12.35
C MET A 165 4.35 -14.65 13.22
N GLY A 166 3.71 -14.80 14.38
CA GLY A 166 3.72 -16.08 15.09
C GLY A 166 4.28 -15.94 16.52
N LYS A 167 4.86 -17.06 16.98
CA LYS A 167 5.20 -17.27 18.39
C LYS A 167 6.15 -16.21 18.93
N ALA A 168 7.06 -15.71 18.10
CA ALA A 168 8.05 -14.75 18.57
C ALA A 168 7.42 -13.47 19.09
N VAL A 169 6.20 -13.18 18.66
CA VAL A 169 5.49 -11.98 19.10
C VAL A 169 5.30 -11.99 20.62
N PHE A 170 5.00 -13.15 21.18
CA PHE A 170 4.65 -13.20 22.60
C PHE A 170 5.84 -13.04 23.52
N GLU A 171 7.06 -13.26 23.02
CA GLU A 171 8.23 -12.87 23.79
C GLU A 171 8.33 -11.35 23.89
N VAL A 172 7.97 -10.64 22.82
CA VAL A 172 8.00 -9.19 22.84
C VAL A 172 6.84 -8.63 23.66
N LEU A 173 5.68 -9.29 23.60
CA LEU A 173 4.53 -8.79 24.34
C LEU A 173 4.74 -8.94 25.85
N GLY A 174 5.38 -10.04 26.27
CA GLY A 174 5.56 -10.23 27.68
C GLY A 174 4.24 -10.39 28.39
N THR A 175 4.20 -9.97 29.65
CA THR A 175 3.02 -10.18 30.47
C THR A 175 2.02 -9.03 30.41
N GLU A 176 2.48 -7.81 30.07
CA GLU A 176 1.62 -6.64 30.11
C GLU A 176 1.66 -5.78 28.86
N GLY A 177 2.41 -6.16 27.83
CA GLY A 177 2.48 -5.34 26.62
C GLY A 177 1.13 -5.17 25.96
N ASP A 178 0.97 -4.03 25.29
CA ASP A 178 -0.26 -3.70 24.58
C ASP A 178 -0.22 -4.21 23.14
N PHE A 179 -1.41 -4.33 22.53
CA PHE A 179 -1.52 -4.83 21.17
C PHE A 179 -2.76 -4.20 20.52
N VAL A 180 -2.76 -4.14 19.19
CA VAL A 180 -3.91 -3.69 18.41
C VAL A 180 -4.85 -4.87 18.23
N PRO A 181 -6.10 -4.79 18.69
CA PRO A 181 -7.01 -5.95 18.61
C PRO A 181 -7.80 -5.99 17.31
N CYS A 182 -7.67 -7.09 16.56
CA CYS A 182 -8.30 -7.19 15.26
C CYS A 182 -9.13 -8.46 15.18
N VAL A 183 -10.36 -8.34 14.70
N VAL A 183 -10.34 -8.36 14.67
CA VAL A 183 -11.26 -9.48 14.54
CA VAL A 183 -11.20 -9.54 14.55
C VAL A 183 -11.74 -9.51 13.10
C VAL A 183 -11.79 -9.56 13.15
N HIS A 184 -11.67 -10.70 12.48
CA HIS A 184 -12.09 -10.86 11.11
C HIS A 184 -12.93 -12.11 10.95
N THR A 185 -14.06 -11.98 10.24
CA THR A 185 -14.80 -13.17 9.85
C THR A 185 -15.24 -13.05 8.41
N VAL A 186 -15.25 -14.20 7.72
CA VAL A 186 -15.87 -14.23 6.40
C VAL A 186 -17.39 -14.17 6.46
N GLY A 187 -17.98 -14.26 7.65
CA GLY A 187 -19.42 -14.10 7.76
C GLY A 187 -20.21 -15.23 7.14
N ALA A 188 -19.73 -16.47 7.28
CA ALA A 188 -20.34 -17.63 6.62
C ALA A 188 -20.31 -18.82 7.56
N PRO A 189 -20.99 -18.74 8.70
CA PRO A 189 -21.01 -19.87 9.63
C PRO A 189 -21.58 -21.11 8.95
N LEU A 190 -21.08 -22.27 9.36
CA LEU A 190 -21.45 -23.54 8.75
C LEU A 190 -22.28 -24.38 9.72
N ALA A 191 -23.34 -24.99 9.19
CA ALA A 191 -24.16 -25.94 9.91
C ALA A 191 -23.49 -27.32 9.92
N GLU A 192 -24.03 -28.22 10.73
CA GLU A 192 -23.53 -29.58 10.74
C GLU A 192 -23.77 -30.23 9.39
N GLY A 193 -22.72 -30.86 8.83
CA GLY A 193 -22.82 -31.53 7.56
C GLY A 193 -22.88 -30.61 6.36
N GLU A 194 -22.83 -29.30 6.55
CA GLU A 194 -22.88 -28.36 5.44
C GLU A 194 -21.55 -28.36 4.67
N GLN A 195 -21.63 -28.50 3.34
CA GLN A 195 -20.46 -28.36 2.49
C GLN A 195 -20.08 -26.89 2.36
N ASP A 196 -18.83 -26.56 2.67
CA ASP A 196 -18.32 -25.20 2.52
C ASP A 196 -18.04 -24.90 1.05
N VAL A 197 -18.00 -23.62 0.71
CA VAL A 197 -17.61 -23.18 -0.63
C VAL A 197 -16.12 -22.93 -0.64
N THR A 198 -15.55 -22.74 -1.83
CA THR A 198 -14.10 -22.55 -1.90
C THR A 198 -13.70 -21.16 -1.42
N TRP A 199 -14.57 -20.17 -1.57
CA TRP A 199 -14.26 -18.79 -1.15
C TRP A 199 -15.43 -18.26 -0.33
N PRO A 200 -15.49 -18.60 0.96
CA PRO A 200 -16.60 -18.12 1.77
C PRO A 200 -16.52 -16.61 1.96
N CYS A 201 -17.68 -15.97 1.91
CA CYS A 201 -17.82 -14.53 2.09
C CYS A 201 -19.30 -14.24 2.28
N ASN A 202 -19.61 -12.97 2.49
CA ASN A 202 -20.98 -12.53 2.69
C ASN A 202 -21.19 -11.29 1.83
N LYS A 203 -22.39 -11.17 1.27
CA LYS A 203 -22.73 -9.97 0.53
C LYS A 203 -22.70 -8.77 1.45
N THR A 204 -23.03 -8.96 2.72
CA THR A 204 -22.99 -7.91 3.72
C THR A 204 -21.58 -7.77 4.26
N LYS A 205 -21.01 -6.57 4.13
CA LYS A 205 -19.63 -6.33 4.52
C LYS A 205 -19.51 -5.08 5.38
N TYR A 206 -18.62 -5.14 6.36
CA TYR A 206 -18.27 -4.01 7.21
C TYR A 206 -16.78 -4.09 7.49
N ILE A 207 -16.07 -2.98 7.35
CA ILE A 207 -14.68 -2.91 7.81
C ILE A 207 -14.61 -1.70 8.71
N VAL A 208 -14.56 -1.93 10.01
CA VAL A 208 -14.81 -0.88 11.00
C VAL A 208 -13.58 -0.65 11.84
N HIS A 209 -13.28 0.64 12.08
CA HIS A 209 -12.17 1.05 12.93
C HIS A 209 -12.69 1.89 14.08
N TYR A 210 -12.32 1.52 15.30
CA TYR A 210 -12.62 2.36 16.47
C TYR A 210 -11.33 3.01 16.97
N PRO A 211 -11.05 4.26 16.60
CA PRO A 211 -9.71 4.81 16.86
C PRO A 211 -9.36 4.92 18.33
N GLU A 212 -10.33 5.29 19.17
CA GLU A 212 -10.02 5.50 20.59
C GLU A 212 -9.56 4.23 21.29
N THR A 213 -9.95 3.05 20.79
CA THR A 213 -9.51 1.78 21.37
C THR A 213 -8.62 0.97 20.46
N ARG A 214 -8.32 1.47 19.27
CA ARG A 214 -7.50 0.80 18.27
C ARG A 214 -8.13 -0.48 17.77
N GLU A 215 -9.44 -0.69 17.97
CA GLU A 215 -10.08 -1.90 17.48
C GLU A 215 -10.33 -1.86 15.99
N ILE A 216 -10.13 -3.03 15.34
CA ILE A 216 -10.50 -3.23 13.95
C ILE A 216 -11.41 -4.45 13.88
N TRP A 217 -12.56 -4.29 13.26
CA TRP A 217 -13.54 -5.37 13.09
C TRP A 217 -13.85 -5.47 11.61
N SER A 218 -13.71 -6.67 11.05
CA SER A 218 -13.97 -6.88 9.63
C SER A 218 -14.91 -8.06 9.44
N TYR A 219 -15.99 -7.84 8.71
CA TYR A 219 -17.04 -8.84 8.50
C TYR A 219 -17.35 -8.99 7.02
N GLY A 220 -17.33 -10.22 6.51
CA GLY A 220 -17.96 -10.54 5.24
C GLY A 220 -17.04 -10.64 4.03
N SER A 221 -15.86 -10.04 4.07
CA SER A 221 -14.90 -10.19 2.97
C SER A 221 -13.74 -11.08 3.41
N GLY A 222 -13.28 -11.95 2.50
CA GLY A 222 -12.05 -12.66 2.72
C GLY A 222 -10.88 -12.07 1.97
N TYR A 223 -11.04 -10.90 1.36
CA TYR A 223 -10.12 -10.42 0.33
C TYR A 223 -9.20 -9.31 0.84
N GLY A 224 -7.91 -9.43 0.52
CA GLY A 224 -6.98 -8.33 0.53
C GLY A 224 -7.08 -7.32 1.66
N GLY A 225 -7.22 -6.05 1.30
CA GLY A 225 -7.24 -5.00 2.29
C GLY A 225 -8.42 -5.05 3.24
N ASN A 226 -9.45 -5.82 2.92
CA ASN A 226 -10.54 -5.96 3.89
C ASN A 226 -10.23 -6.94 5.01
N ALA A 227 -9.36 -7.91 4.76
CA ALA A 227 -9.19 -9.09 5.60
C ALA A 227 -7.78 -9.27 6.12
N LEU A 228 -6.77 -8.81 5.40
CA LEU A 228 -5.40 -8.83 5.90
C LEU A 228 -5.22 -7.53 6.65
N LEU A 229 -5.47 -7.57 7.96
CA LEU A 229 -5.79 -6.34 8.67
C LEU A 229 -4.54 -5.55 9.05
N GLY A 230 -3.37 -6.17 8.95
CA GLY A 230 -2.15 -5.42 9.21
C GLY A 230 -1.89 -4.35 8.18
N LYS A 231 -2.29 -4.59 6.93
CA LYS A 231 -1.79 -3.76 5.83
C LYS A 231 -2.39 -2.36 5.84
N LYS A 232 -3.70 -2.26 5.60
CA LYS A 232 -4.34 -0.95 5.51
C LYS A 232 -5.01 -0.55 6.83
N CYS A 233 -5.78 -1.46 7.41
CA CYS A 233 -6.57 -1.12 8.59
C CYS A 233 -5.68 -0.71 9.76
N PHE A 234 -4.63 -1.50 10.05
CA PHE A 234 -3.69 -1.21 11.12
C PHE A 234 -2.64 -0.21 10.63
N ALA A 235 -1.87 -0.58 9.60
CA ALA A 235 -0.66 0.17 9.34
C ALA A 235 -0.92 1.55 8.72
N LEU A 236 -2.13 1.82 8.21
CA LEU A 236 -2.47 3.18 7.83
C LEU A 236 -3.58 3.79 8.70
N ARG A 237 -4.75 3.16 8.81
CA ARG A 237 -5.86 3.86 9.45
C ARG A 237 -5.63 4.01 10.95
N ILE A 238 -5.37 2.89 11.65
CA ILE A 238 -5.11 3.00 13.09
C ILE A 238 -3.79 3.69 13.34
N ALA A 239 -2.75 3.33 12.56
CA ALA A 239 -1.42 3.90 12.81
C ALA A 239 -1.39 5.39 12.53
N SER A 240 -2.18 5.89 11.58
CA SER A 240 -2.17 7.34 11.37
C SER A 240 -2.68 8.07 12.60
N ASN A 241 -3.68 7.50 13.28
CA ASN A 241 -4.21 8.06 14.51
C ASN A 241 -3.17 8.08 15.61
N MET A 242 -2.46 6.96 15.80
CA MET A 242 -1.39 6.91 16.79
C MET A 242 -0.32 7.93 16.47
N GLY A 243 0.02 8.06 15.19
CA GLY A 243 1.06 9.01 14.81
C GLY A 243 0.67 10.44 15.13
N ARG A 244 -0.60 10.79 14.95
CA ARG A 244 -1.04 12.15 15.23
C ARG A 244 -0.88 12.44 16.73
N ASP A 245 -1.18 11.46 17.57
CA ASP A 245 -1.07 11.67 19.01
C ASP A 245 0.36 11.65 19.52
N GLU A 246 1.25 10.92 18.83
CA GLU A 246 2.59 10.62 19.34
C GLU A 246 3.70 11.29 18.54
N GLY A 247 3.37 12.02 17.48
CA GLY A 247 4.38 12.76 16.76
C GLY A 247 5.10 12.01 15.65
N TRP A 248 4.41 11.10 14.95
CA TRP A 248 5.03 10.41 13.82
C TRP A 248 3.99 10.28 12.71
N LEU A 249 4.41 9.65 11.60
CA LEU A 249 3.59 9.61 10.39
C LEU A 249 3.41 8.17 9.94
N ALA A 250 2.21 7.83 9.50
CA ALA A 250 1.92 6.54 8.86
C ALA A 250 1.39 6.88 7.48
N GLU A 251 2.18 6.53 6.45
CA GLU A 251 1.96 7.06 5.12
C GLU A 251 1.89 5.95 4.07
N HIS A 252 1.16 6.26 3.00
CA HIS A 252 1.01 5.36 1.86
C HIS A 252 2.16 5.62 0.87
N MET A 253 3.36 5.20 1.29
CA MET A 253 4.58 5.50 0.55
C MET A 253 5.47 4.28 0.42
N LEU A 254 6.07 4.14 -0.76
CA LEU A 254 7.23 3.28 -0.92
C LEU A 254 8.43 3.96 -0.27
N ILE A 255 9.45 3.16 0.05
CA ILE A 255 10.72 3.65 0.56
C ILE A 255 11.83 3.03 -0.26
N LEU A 256 12.69 3.83 -0.87
CA LEU A 256 13.76 3.22 -1.64
C LEU A 256 15.09 3.85 -1.28
N GLY A 257 16.15 3.07 -1.48
CA GLY A 257 17.51 3.55 -1.36
C GLY A 257 18.11 3.71 -2.75
N VAL A 258 18.85 4.78 -2.96
CA VAL A 258 19.51 4.99 -4.24
C VAL A 258 20.95 5.39 -3.96
N THR A 259 21.88 4.67 -4.58
CA THR A 259 23.31 4.88 -4.37
C THR A 259 23.92 5.29 -5.69
N ASN A 260 24.71 6.35 -5.68
CA ASN A 260 25.35 6.86 -6.89
C ASN A 260 26.72 6.22 -7.03
N PRO A 261 27.43 6.46 -8.14
CA PRO A 261 28.71 5.75 -8.34
C PRO A 261 29.78 6.09 -7.31
N GLU A 262 29.69 7.24 -6.63
CA GLU A 262 30.60 7.56 -5.53
C GLU A 262 30.26 6.82 -4.24
N GLY A 263 29.18 6.06 -4.23
CA GLY A 263 28.79 5.33 -3.06
C GLY A 263 27.91 6.10 -2.09
N LYS A 264 27.49 7.33 -2.43
CA LYS A 264 26.62 8.11 -1.57
C LYS A 264 25.21 7.55 -1.68
N LYS A 265 24.58 7.31 -0.54
CA LYS A 265 23.28 6.65 -0.51
C LYS A 265 22.23 7.61 0.01
N TYR A 266 21.13 7.71 -0.73
CA TYR A 266 20.01 8.57 -0.41
C TYR A 266 18.78 7.69 -0.23
N HIS A 267 17.81 8.15 0.54
CA HIS A 267 16.56 7.41 0.63
C HIS A 267 15.41 8.36 0.30
N VAL A 268 14.42 7.82 -0.39
N VAL A 268 14.44 7.88 -0.48
CA VAL A 268 13.28 8.60 -0.86
CA VAL A 268 13.28 8.70 -0.80
C VAL A 268 12.00 7.86 -0.48
C VAL A 268 12.02 7.89 -0.48
N ALA A 269 10.98 8.60 -0.07
CA ALA A 269 9.67 8.02 0.20
C ALA A 269 8.68 8.62 -0.81
N ALA A 270 7.86 7.78 -1.46
CA ALA A 270 7.05 8.30 -2.56
C ALA A 270 5.63 7.74 -2.49
N ALA A 271 4.65 8.62 -2.66
CA ALA A 271 3.23 8.27 -2.65
C ALA A 271 2.69 8.41 -4.06
N PHE A 272 2.12 7.34 -4.60
CA PHE A 272 1.45 7.37 -5.89
C PHE A 272 0.03 6.85 -5.73
N PRO A 273 -0.96 7.47 -6.39
CA PRO A 273 -2.33 6.93 -6.32
C PRO A 273 -2.52 5.67 -7.14
N SER A 274 -1.62 5.38 -8.06
N SER A 274 -1.58 5.33 -8.02
CA SER A 274 -1.66 4.29 -9.03
CA SER A 274 -1.77 4.25 -8.99
C SER A 274 -0.71 4.70 -10.13
C SER A 274 -1.63 2.87 -8.33
N ALA A 275 -0.48 6.01 -10.22
N ALA A 275 -2.03 1.85 -9.09
CA ALA A 275 0.60 6.56 -11.03
CA ALA A 275 -1.98 0.49 -8.56
C ALA A 275 1.86 5.74 -10.81
C ALA A 275 -0.55 0.00 -8.40
N CYS A 276 2.63 5.56 -11.87
N CYS A 276 0.27 0.17 -9.44
CA CYS A 276 3.80 4.70 -11.81
CA CYS A 276 1.61 -0.39 -9.47
C CYS A 276 3.47 3.30 -11.33
C CYS A 276 2.70 0.68 -9.49
N GLY A 277 2.95 3.24 -10.12
N GLY A 277 2.33 1.96 -9.39
CA GLY A 277 3.05 2.04 -9.32
CA GLY A 277 3.32 3.01 -9.47
C GLY A 277 4.26 2.21 -8.44
C GLY A 277 4.42 2.86 -8.43
N LYS A 278 4.03 2.58 -7.18
CA LYS A 278 5.00 2.42 -6.12
C LYS A 278 5.86 1.19 -6.33
N THR A 279 5.23 0.05 -6.64
CA THR A 279 5.99 -1.18 -6.82
C THR A 279 7.02 -1.04 -7.93
N ASN A 280 6.62 -0.47 -9.08
CA ASN A 280 7.56 -0.26 -10.18
C ASN A 280 8.70 0.67 -9.78
N PHE A 281 8.38 1.81 -9.17
CA PHE A 281 9.40 2.78 -8.82
C PHE A 281 10.29 2.30 -7.68
N SER A 282 9.71 1.59 -6.71
CA SER A 282 10.49 1.12 -5.55
C SER A 282 11.49 0.03 -5.94
N MET A 283 11.28 -0.64 -7.08
CA MET A 283 12.17 -1.67 -7.56
C MET A 283 12.84 -1.28 -8.88
N LEU A 284 12.90 0.03 -9.16
CA LEU A 284 13.41 0.55 -10.42
C LEU A 284 14.79 -0.02 -10.74
N VAL A 285 15.01 -0.35 -12.01
CA VAL A 285 16.31 -0.82 -12.49
C VAL A 285 16.96 0.34 -13.25
N PRO A 286 18.11 0.84 -12.83
CA PRO A 286 18.76 1.93 -13.57
C PRO A 286 19.01 1.54 -15.02
N PRO A 287 18.72 2.43 -15.96
CA PRO A 287 18.89 2.09 -17.38
C PRO A 287 20.31 2.36 -17.87
N ALA A 288 20.50 2.28 -19.18
CA ALA A 288 21.76 2.72 -19.78
C ALA A 288 22.06 4.16 -19.40
N GLY A 289 23.35 4.44 -19.21
CA GLY A 289 23.81 5.73 -18.75
C GLY A 289 23.98 5.85 -17.26
N PHE A 290 23.58 4.83 -16.49
CA PHE A 290 23.63 4.89 -15.03
C PHE A 290 24.46 3.76 -14.46
N ASP A 291 25.55 3.42 -15.14
CA ASP A 291 26.50 2.46 -14.59
C ASP A 291 27.00 2.95 -13.24
N GLY A 292 27.06 2.05 -12.27
CA GLY A 292 27.54 2.41 -10.96
C GLY A 292 26.47 2.92 -10.01
N TRP A 293 25.25 3.16 -10.49
CA TRP A 293 24.12 3.48 -9.63
C TRP A 293 23.40 2.20 -9.22
N SER A 294 22.76 2.24 -8.05
CA SER A 294 21.91 1.13 -7.65
C SER A 294 20.66 1.65 -6.95
N VAL A 295 19.56 0.94 -7.13
CA VAL A 295 18.31 1.24 -6.44
C VAL A 295 17.90 0.00 -5.68
N THR A 296 17.53 0.20 -4.43
CA THR A 296 17.16 -0.91 -3.57
C THR A 296 15.83 -0.59 -2.88
N THR A 297 15.13 -1.64 -2.49
CA THR A 297 13.77 -1.51 -1.98
C THR A 297 13.76 -1.67 -0.46
N ILE A 298 13.32 -0.65 0.26
CA ILE A 298 12.96 -0.85 1.66
C ILE A 298 11.50 -1.28 1.79
N GLY A 299 10.59 -0.64 1.08
CA GLY A 299 9.21 -1.10 1.06
C GLY A 299 8.53 -0.55 -0.17
N ASP A 300 7.37 -1.13 -0.51
CA ASP A 300 6.64 -0.74 -1.70
C ASP A 300 5.24 -0.20 -1.43
N ASP A 301 4.87 0.11 -0.18
CA ASP A 301 3.47 0.46 0.06
C ASP A 301 3.26 1.33 1.28
N ILE A 302 3.80 0.96 2.45
CA ILE A 302 3.52 1.65 3.71
C ILE A 302 4.83 2.11 4.34
N ALA A 303 4.83 3.33 4.87
CA ALA A 303 5.99 3.87 5.55
C ALA A 303 5.56 4.42 6.89
N TRP A 304 6.27 4.06 7.95
CA TRP A 304 6.14 4.71 9.25
C TRP A 304 7.36 5.58 9.47
N ILE A 305 7.14 6.86 9.75
CA ILE A 305 8.22 7.84 9.71
C ILE A 305 8.21 8.65 11.01
N LYS A 306 9.36 8.77 11.65
CA LYS A 306 9.43 9.45 12.94
C LYS A 306 10.67 10.35 12.93
N PRO A 307 10.55 11.59 13.39
CA PRO A 307 11.73 12.42 13.54
C PRO A 307 12.59 11.94 14.70
N ALA A 308 13.89 12.05 14.54
CA ALA A 308 14.83 11.67 15.60
C ALA A 308 15.49 12.92 16.16
N ALA A 309 16.19 12.73 17.27
CA ALA A 309 16.84 13.86 17.93
C ALA A 309 17.85 14.55 17.01
N ASP A 310 18.40 13.85 16.01
CA ASP A 310 19.39 14.45 15.11
C ASP A 310 18.79 15.32 14.02
N GLY A 311 17.51 15.62 14.07
CA GLY A 311 16.90 16.46 13.05
C GLY A 311 16.56 15.76 11.75
N LYS A 312 16.53 14.42 11.73
CA LYS A 312 16.20 13.70 10.51
C LYS A 312 14.92 12.92 10.68
N LEU A 313 14.24 12.66 9.55
CA LEU A 313 13.05 11.81 9.54
C LEU A 313 13.48 10.40 9.18
N TYR A 314 13.17 9.44 10.04
CA TYR A 314 13.56 8.04 9.84
C TYR A 314 12.36 7.18 9.51
N ALA A 315 12.43 6.44 8.40
CA ALA A 315 11.32 5.64 7.94
C ALA A 315 11.61 4.15 8.10
N ILE A 316 10.59 3.39 8.49
CA ILE A 316 10.64 1.94 8.39
C ILE A 316 9.47 1.48 7.54
N ASN A 317 9.63 0.30 6.97
CA ASN A 317 8.54 -0.40 6.32
C ASN A 317 7.97 -1.37 7.34
N PRO A 318 6.73 -1.18 7.81
CA PRO A 318 6.18 -2.09 8.82
C PRO A 318 5.76 -3.45 8.28
N GLU A 319 5.75 -3.65 6.96
CA GLU A 319 5.35 -4.93 6.39
C GLU A 319 6.56 -5.79 6.14
N ALA A 320 6.31 -7.07 5.83
CA ALA A 320 7.37 -8.02 5.61
C ALA A 320 7.31 -8.64 4.23
N GLY A 321 6.31 -8.31 3.43
CA GLY A 321 6.16 -8.87 2.12
C GLY A 321 5.41 -7.88 1.26
N TYR A 322 5.15 -8.30 0.02
CA TYR A 322 4.46 -7.50 -0.98
C TYR A 322 3.12 -8.12 -1.28
N PHE A 323 2.08 -7.30 -1.34
CA PHE A 323 0.75 -7.75 -1.74
C PHE A 323 0.41 -6.86 -2.94
N GLY A 324 0.93 -7.24 -4.09
CA GLY A 324 0.99 -6.36 -5.24
C GLY A 324 -0.02 -6.71 -6.33
N VAL A 325 -0.44 -5.67 -7.06
CA VAL A 325 -1.27 -5.85 -8.25
C VAL A 325 -0.47 -6.55 -9.35
N ALA A 326 -0.99 -7.67 -9.85
CA ALA A 326 -0.25 -8.46 -10.82
C ALA A 326 -0.35 -7.91 -12.24
N PRO A 327 -1.54 -7.62 -12.79
CA PRO A 327 -1.61 -7.17 -14.19
C PRO A 327 -0.71 -5.97 -14.45
N GLY A 328 -0.06 -5.99 -15.61
CA GLY A 328 0.90 -4.97 -15.97
C GLY A 328 2.33 -5.31 -15.61
N THR A 329 2.55 -6.35 -14.80
CA THR A 329 3.90 -6.72 -14.37
C THR A 329 4.56 -7.60 -15.43
N ASN A 330 5.75 -7.20 -15.87
CA ASN A 330 6.53 -8.01 -16.81
C ASN A 330 7.99 -7.62 -16.67
N MET A 331 8.85 -8.24 -17.48
CA MET A 331 10.28 -7.95 -17.34
C MET A 331 10.66 -6.57 -17.85
N LEU A 332 9.80 -5.88 -18.60
CA LEU A 332 10.05 -4.51 -19.02
C LEU A 332 9.60 -3.49 -17.98
N THR A 333 8.40 -3.65 -17.41
CA THR A 333 7.90 -2.70 -16.44
C THR A 333 8.50 -2.91 -15.06
N ASN A 334 8.84 -4.16 -14.71
CA ASN A 334 9.32 -4.43 -13.37
C ASN A 334 10.04 -5.77 -13.27
N PRO A 335 11.28 -5.88 -13.74
CA PRO A 335 11.96 -7.18 -13.66
C PRO A 335 12.23 -7.66 -12.24
N ASN A 336 12.49 -6.75 -11.29
CA ASN A 336 12.71 -7.22 -9.93
C ASN A 336 11.45 -7.84 -9.35
N CYS A 337 10.28 -7.33 -9.73
CA CYS A 337 9.04 -7.94 -9.24
C CYS A 337 8.80 -9.30 -9.90
N MET A 338 9.03 -9.37 -11.22
CA MET A 338 8.91 -10.65 -11.91
C MET A 338 9.83 -11.69 -11.31
N LEU A 339 11.08 -11.32 -11.02
CA LEU A 339 11.97 -12.26 -10.34
C LEU A 339 11.48 -12.62 -8.94
N SER A 340 10.88 -11.67 -8.24
CA SER A 340 10.40 -11.95 -6.88
C SER A 340 9.34 -13.05 -6.89
N VAL A 341 8.49 -13.08 -7.90
CA VAL A 341 7.37 -14.01 -7.91
C VAL A 341 7.70 -15.28 -8.68
N ARG A 342 8.99 -15.60 -8.85
CA ARG A 342 9.38 -16.86 -9.49
C ARG A 342 9.00 -18.07 -8.65
N GLY A 343 8.83 -17.92 -7.35
CA GLY A 343 8.41 -19.02 -6.51
C GLY A 343 7.98 -18.51 -5.15
N ASN A 344 7.50 -19.44 -4.32
CA ASN A 344 7.11 -19.15 -2.94
C ASN A 344 6.03 -18.06 -2.87
N THR A 345 5.13 -18.05 -3.84
CA THR A 345 4.19 -16.95 -4.03
C THR A 345 2.77 -17.47 -3.98
N ILE A 346 1.85 -16.68 -3.40
CA ILE A 346 0.43 -16.92 -3.49
C ILE A 346 -0.12 -15.95 -4.51
N PHE A 347 -0.80 -16.47 -5.54
CA PHE A 347 -1.44 -15.64 -6.55
C PHE A 347 -2.95 -15.70 -6.35
N THR A 348 -3.61 -14.55 -6.46
CA THR A 348 -5.05 -14.46 -6.26
C THR A 348 -5.71 -13.85 -7.49
N ASN A 349 -6.59 -14.61 -8.15
CA ASN A 349 -7.44 -14.14 -9.26
C ASN A 349 -6.64 -13.86 -10.53
N VAL A 350 -5.50 -14.53 -10.71
CA VAL A 350 -4.85 -14.48 -12.02
C VAL A 350 -5.26 -15.71 -12.83
N ALA A 351 -4.74 -15.83 -14.04
CA ALA A 351 -5.13 -16.92 -14.93
C ALA A 351 -4.18 -18.11 -14.82
N LEU A 352 -4.66 -19.26 -15.28
CA LEU A 352 -3.93 -20.53 -15.24
C LEU A 352 -3.59 -20.95 -16.66
N THR A 353 -2.31 -21.21 -16.91
CA THR A 353 -1.88 -21.62 -18.24
C THR A 353 -2.05 -23.12 -18.42
N ASP A 354 -1.92 -23.57 -19.67
CA ASP A 354 -2.08 -24.99 -19.98
C ASP A 354 -0.98 -25.84 -19.36
N ASP A 355 0.16 -25.26 -18.99
CA ASP A 355 1.20 -26.02 -18.32
C ASP A 355 1.22 -25.78 -16.81
N GLY A 356 0.15 -25.26 -16.24
CA GLY A 356 0.04 -25.17 -14.80
C GLY A 356 0.82 -24.03 -14.17
N ASP A 357 1.09 -22.99 -14.95
CA ASP A 357 1.69 -21.74 -14.50
C ASP A 357 0.60 -20.68 -14.46
N VAL A 358 0.98 -19.46 -14.12
CA VAL A 358 0.03 -18.35 -14.05
C VAL A 358 0.32 -17.37 -15.17
N TRP A 359 -0.72 -16.60 -15.51
CA TRP A 359 -0.63 -15.56 -16.53
C TRP A 359 -1.50 -14.40 -16.12
N TRP A 360 -1.09 -13.20 -16.53
CA TRP A 360 -1.90 -12.00 -16.38
C TRP A 360 -1.59 -11.04 -17.52
N GLU A 361 -2.58 -10.20 -17.80
CA GLU A 361 -2.42 -9.17 -18.81
C GLU A 361 -1.14 -8.38 -18.56
N GLY A 362 -0.35 -8.19 -19.62
CA GLY A 362 0.96 -7.60 -19.54
C GLY A 362 2.09 -8.59 -19.70
N MET A 363 1.87 -9.87 -19.36
CA MET A 363 2.96 -10.84 -19.48
C MET A 363 3.31 -11.11 -20.93
N GLU A 364 2.40 -10.84 -21.86
CA GLU A 364 2.74 -11.06 -23.27
C GLU A 364 3.85 -10.14 -23.74
N GLN A 365 4.16 -9.06 -23.00
CA GLN A 365 5.25 -8.20 -23.42
C GLN A 365 6.59 -8.93 -23.43
N ASP A 366 6.72 -10.02 -22.67
CA ASP A 366 7.94 -10.80 -22.63
C ASP A 366 7.95 -11.95 -23.63
N ALA A 367 6.84 -12.21 -24.30
CA ALA A 367 6.73 -13.34 -25.22
C ALA A 367 7.29 -12.95 -26.59
N PRO A 368 7.82 -13.92 -27.34
CA PRO A 368 8.20 -13.62 -28.74
C PRO A 368 7.03 -13.00 -29.48
N GLY A 369 7.32 -11.92 -30.20
CA GLY A 369 6.29 -11.19 -30.92
C GLY A 369 5.25 -10.52 -30.06
N LYS A 370 5.43 -10.53 -28.74
CA LYS A 370 4.45 -10.01 -27.79
C LYS A 370 3.11 -10.73 -27.94
N ALA A 371 3.16 -12.01 -28.33
CA ALA A 371 1.95 -12.76 -28.64
C ALA A 371 1.24 -13.21 -27.37
N LEU A 372 -0.09 -13.10 -27.37
CA LEU A 372 -0.94 -13.60 -26.28
C LEU A 372 -0.93 -15.12 -26.27
N PRO A 373 -1.17 -15.75 -25.11
CA PRO A 373 -1.30 -17.21 -25.08
C PRO A 373 -2.54 -17.67 -25.84
N ASP A 374 -2.46 -18.89 -26.38
CA ASP A 374 -3.58 -19.41 -27.18
C ASP A 374 -4.78 -19.75 -26.32
N HIS A 375 -4.54 -20.20 -25.09
CA HIS A 375 -5.63 -20.62 -24.23
C HIS A 375 -5.19 -20.47 -22.79
N LEU A 376 -6.16 -20.12 -21.94
CA LEU A 376 -5.98 -20.01 -20.50
C LEU A 376 -7.28 -20.40 -19.83
N ILE A 377 -7.20 -20.65 -18.54
CA ILE A 377 -8.38 -20.67 -17.69
C ILE A 377 -8.38 -19.35 -16.92
N ASP A 378 -9.42 -18.56 -17.08
CA ASP A 378 -9.44 -17.24 -16.45
C ASP A 378 -9.77 -17.36 -14.96
N TRP A 379 -9.81 -16.21 -14.27
CA TRP A 379 -9.96 -16.22 -12.82
C TRP A 379 -11.35 -16.64 -12.38
N GLN A 380 -12.29 -16.79 -13.30
CA GLN A 380 -13.60 -17.32 -12.96
C GLN A 380 -13.76 -18.77 -13.35
N GLY A 381 -12.69 -19.43 -13.77
CA GLY A 381 -12.77 -20.82 -14.15
C GLY A 381 -13.21 -21.06 -15.57
N LYS A 382 -13.33 -20.03 -16.38
CA LYS A 382 -13.82 -20.18 -17.75
C LYS A 382 -12.68 -20.33 -18.74
N ASP A 383 -12.95 -21.03 -19.84
CA ASP A 383 -12.02 -21.01 -20.95
C ASP A 383 -11.83 -19.58 -21.43
N TRP A 384 -10.57 -19.24 -21.73
CA TRP A 384 -10.19 -17.94 -22.24
C TRP A 384 -9.30 -18.14 -23.46
N THR A 385 -9.55 -17.37 -24.49
CA THR A 385 -8.70 -17.31 -25.67
C THR A 385 -8.70 -15.87 -26.14
N PRO A 386 -7.73 -15.47 -26.96
CA PRO A 386 -7.77 -14.10 -27.48
C PRO A 386 -9.05 -13.80 -28.23
N GLN A 387 -9.59 -14.79 -28.94
CA GLN A 387 -10.89 -14.61 -29.59
C GLN A 387 -12.00 -14.40 -28.57
N ILE A 388 -12.06 -15.26 -27.54
CA ILE A 388 -13.09 -15.12 -26.51
C ILE A 388 -12.98 -13.76 -25.85
N ALA A 389 -11.75 -13.30 -25.60
CA ALA A 389 -11.55 -12.00 -24.98
C ALA A 389 -12.10 -10.89 -25.86
N LYS A 390 -11.90 -11.01 -27.17
CA LYS A 390 -12.46 -10.03 -28.10
C LYS A 390 -13.98 -10.05 -28.08
N GLU A 391 -14.58 -11.22 -27.91
CA GLU A 391 -16.03 -11.34 -28.04
C GLU A 391 -16.75 -10.98 -26.75
N THR A 392 -16.19 -11.33 -25.59
CA THR A 392 -16.83 -11.06 -24.32
C THR A 392 -16.21 -9.90 -23.56
N GLY A 393 -15.02 -9.44 -23.96
CA GLY A 393 -14.31 -8.44 -23.18
C GLY A 393 -13.66 -8.97 -21.92
N ALA A 394 -13.72 -10.27 -21.68
CA ALA A 394 -13.22 -10.84 -20.43
C ALA A 394 -11.71 -10.71 -20.33
N LYS A 395 -11.25 -10.22 -19.18
CA LYS A 395 -9.83 -10.29 -18.87
C LYS A 395 -9.51 -11.65 -18.27
N ALA A 396 -8.31 -12.16 -18.58
CA ALA A 396 -7.94 -13.46 -18.07
C ALA A 396 -7.67 -13.40 -16.56
N ALA A 397 -6.93 -12.39 -16.13
CA ALA A 397 -6.73 -12.11 -14.72
C ALA A 397 -7.63 -10.94 -14.32
N HIS A 398 -8.19 -11.01 -13.12
CA HIS A 398 -8.96 -9.88 -12.63
C HIS A 398 -8.09 -8.64 -12.56
N PRO A 399 -8.63 -7.45 -12.88
CA PRO A 399 -7.78 -6.24 -12.84
C PRO A 399 -7.16 -5.96 -11.48
N ASN A 400 -7.76 -6.45 -10.39
CA ASN A 400 -7.22 -6.24 -9.05
C ASN A 400 -6.53 -7.49 -8.53
N SER A 401 -6.21 -8.44 -9.42
CA SER A 401 -5.56 -9.67 -9.01
C SER A 401 -4.16 -9.39 -8.44
N ARG A 402 -3.68 -10.33 -7.62
CA ARG A 402 -2.58 -10.06 -6.71
C ARG A 402 -1.54 -11.18 -6.69
N PHE A 403 -0.33 -10.81 -6.29
CA PHE A 403 0.66 -11.76 -5.79
C PHE A 403 0.96 -11.38 -4.34
N THR A 404 1.24 -12.40 -3.53
CA THR A 404 1.72 -12.24 -2.15
C THR A 404 3.07 -12.94 -2.06
N VAL A 405 4.13 -12.19 -1.72
CA VAL A 405 5.45 -12.79 -1.68
C VAL A 405 6.31 -12.09 -0.65
N ALA A 406 7.22 -12.87 -0.04
CA ALA A 406 8.09 -12.31 1.00
C ALA A 406 9.09 -11.32 0.42
N ALA A 407 9.40 -10.29 1.22
CA ALA A 407 10.32 -9.25 0.76
C ALA A 407 11.67 -9.84 0.38
N THR A 408 12.10 -10.89 1.10
CA THR A 408 13.40 -11.50 0.82
C THR A 408 13.47 -12.18 -0.54
N ASN A 409 12.35 -12.35 -1.26
CA ASN A 409 12.45 -12.84 -2.64
C ASN A 409 12.92 -11.77 -3.62
N ASN A 410 12.95 -10.50 -3.19
CA ASN A 410 13.27 -9.38 -4.09
C ASN A 410 14.78 -9.25 -4.26
N PRO A 411 15.31 -9.43 -5.47
CA PRO A 411 16.77 -9.33 -5.64
C PRO A 411 17.30 -7.93 -5.36
N ALA A 412 16.45 -6.92 -5.38
CA ALA A 412 16.85 -5.55 -5.08
C ALA A 412 16.53 -5.13 -3.65
N LEU A 413 16.21 -6.09 -2.76
CA LEU A 413 15.92 -5.74 -1.37
C LEU A 413 17.09 -5.01 -0.73
N ASP A 414 16.77 -3.91 -0.05
CA ASP A 414 17.80 -3.12 0.63
C ASP A 414 18.30 -3.83 1.86
N SER A 415 19.61 -3.71 2.13
CA SER A 415 20.19 -4.35 3.30
C SER A 415 19.55 -3.89 4.61
N ALA A 416 18.96 -2.69 4.64
CA ALA A 416 18.39 -2.16 5.87
C ALA A 416 16.88 -2.33 5.94
N TRP A 417 16.33 -3.18 5.08
CA TRP A 417 14.87 -3.30 4.99
C TRP A 417 14.24 -3.67 6.32
N ASP A 418 14.97 -4.37 7.19
CA ASP A 418 14.45 -4.73 8.50
C ASP A 418 15.29 -4.13 9.62
N ASP A 419 15.99 -3.06 9.34
CA ASP A 419 16.76 -2.37 10.37
C ASP A 419 15.80 -1.56 11.26
N PRO A 420 15.72 -1.85 12.56
CA PRO A 420 14.78 -1.11 13.41
C PRO A 420 15.10 0.37 13.54
N LYS A 421 16.31 0.81 13.22
CA LYS A 421 16.65 2.22 13.27
C LYS A 421 16.05 3.00 12.12
N GLY A 422 15.58 2.33 11.08
CA GLY A 422 15.04 3.02 9.92
C GLY A 422 16.12 3.66 9.06
N VAL A 423 15.65 4.35 8.04
CA VAL A 423 16.52 5.05 7.10
C VAL A 423 16.09 6.51 7.03
N ALA A 424 17.06 7.41 6.94
CA ALA A 424 16.77 8.83 6.88
C ALA A 424 16.25 9.22 5.51
N ILE A 425 15.13 9.92 5.50
CA ILE A 425 14.47 10.33 4.26
C ILE A 425 15.03 11.67 3.79
N ASP A 426 15.56 11.68 2.58
CA ASP A 426 16.13 12.85 1.95
C ASP A 426 15.14 13.60 1.09
N ALA A 427 14.08 12.92 0.61
CA ALA A 427 13.09 13.57 -0.24
C ALA A 427 11.81 12.77 -0.20
N PHE A 428 10.69 13.48 -0.31
CA PHE A 428 9.38 12.88 -0.53
C PHE A 428 8.98 13.15 -1.97
N ILE A 429 8.25 12.21 -2.56
CA ILE A 429 7.76 12.35 -3.93
C ILE A 429 6.27 12.10 -3.91
N PHE A 430 5.49 12.98 -4.56
CA PHE A 430 4.05 12.79 -4.69
C PHE A 430 3.72 12.73 -6.17
N GLY A 431 3.19 11.60 -6.61
CA GLY A 431 2.86 11.40 -8.00
C GLY A 431 1.43 11.72 -8.32
N GLY A 432 0.99 11.26 -9.48
CA GLY A 432 -0.35 11.49 -9.94
C GLY A 432 -0.33 11.28 -11.45
N ARG A 433 -1.44 10.86 -12.02
CA ARG A 433 -1.51 10.60 -13.46
C ARG A 433 -2.27 11.77 -14.09
N ARG A 434 -1.57 12.63 -14.81
CA ARG A 434 -2.21 13.80 -15.40
C ARG A 434 -1.79 13.95 -16.86
N SER A 435 -2.77 13.94 -17.78
CA SER A 435 -2.48 14.08 -19.19
C SER A 435 -1.99 15.48 -19.53
N THR A 436 -2.38 16.46 -18.73
CA THR A 436 -2.04 17.86 -18.94
C THR A 436 -1.49 18.43 -17.63
N THR A 437 -1.08 19.70 -17.70
CA THR A 437 -0.95 20.62 -16.57
C THR A 437 0.28 20.39 -15.69
N VAL A 438 0.43 19.19 -15.15
CA VAL A 438 1.46 18.93 -14.15
C VAL A 438 2.79 18.53 -14.80
N PRO A 439 3.89 19.22 -14.49
CA PRO A 439 5.18 18.85 -15.09
C PRO A 439 5.67 17.46 -14.68
N LEU A 440 6.53 16.91 -15.55
CA LEU A 440 7.24 15.68 -15.27
C LEU A 440 7.79 15.65 -13.86
N VAL A 441 8.45 16.73 -13.43
CA VAL A 441 8.91 16.81 -12.05
C VAL A 441 9.01 18.27 -11.67
N THR A 442 8.62 18.56 -10.44
CA THR A 442 8.71 19.90 -9.85
C THR A 442 9.19 19.75 -8.42
N GLU A 443 10.17 20.56 -8.03
CA GLU A 443 10.58 20.65 -6.64
C GLU A 443 9.83 21.79 -5.96
N ALA A 444 9.25 21.50 -4.79
CA ALA A 444 8.60 22.56 -4.02
C ALA A 444 9.67 23.52 -3.49
N ARG A 445 9.35 24.81 -3.53
CA ARG A 445 10.27 25.80 -2.95
C ARG A 445 10.34 25.73 -1.43
N SER A 446 9.31 25.19 -0.76
CA SER A 446 9.30 25.17 0.70
C SER A 446 8.48 23.98 1.14
N TRP A 447 8.62 23.63 2.43
CA TRP A 447 7.84 22.54 3.02
C TRP A 447 6.35 22.75 2.84
N VAL A 448 5.87 23.95 3.14
CA VAL A 448 4.44 24.25 3.05
C VAL A 448 3.95 24.09 1.62
N GLU A 449 4.74 24.55 0.65
CA GLU A 449 4.33 24.40 -0.75
C GLU A 449 4.34 22.94 -1.17
N GLY A 450 5.25 22.14 -0.61
CA GLY A 450 5.23 20.70 -0.86
C GLY A 450 4.02 20.02 -0.26
N VAL A 451 3.63 20.44 0.96
CA VAL A 451 2.39 19.94 1.54
C VAL A 451 1.20 20.30 0.66
N TYR A 452 1.20 21.52 0.11
CA TYR A 452 0.13 21.90 -0.80
C TYR A 452 0.08 20.98 -2.00
N MET A 453 1.24 20.68 -2.59
CA MET A 453 1.28 19.75 -3.72
C MET A 453 0.69 18.41 -3.34
N ALA A 454 1.10 17.87 -2.20
CA ALA A 454 0.59 16.56 -1.79
C ALA A 454 -0.91 16.62 -1.51
N ALA A 455 -1.38 17.71 -0.90
CA ALA A 455 -2.79 17.80 -0.52
C ALA A 455 -3.68 17.89 -1.74
N THR A 456 -3.16 18.42 -2.83
CA THR A 456 -3.95 18.68 -4.02
C THR A 456 -3.68 17.71 -5.15
N MET A 457 -2.91 16.65 -4.90
CA MET A 457 -2.55 15.73 -5.98
C MET A 457 -3.78 15.01 -6.52
N GLY A 458 -3.80 14.82 -7.84
CA GLY A 458 -4.93 14.17 -8.49
C GLY A 458 -4.46 13.16 -9.52
N SER A 459 -5.39 12.31 -9.94
CA SER A 459 -5.11 11.26 -10.89
C SER A 459 -6.29 11.12 -11.84
N GLU A 460 -6.00 10.94 -13.12
CA GLU A 460 -7.05 10.78 -14.15
C GLU A 460 -7.47 9.33 -14.31
N VAL A 471 -11.38 12.21 -16.27
CA VAL A 471 -11.69 13.14 -15.19
C VAL A 471 -10.67 12.97 -14.08
N VAL A 472 -10.27 14.09 -13.46
CA VAL A 472 -9.25 14.09 -12.42
C VAL A 472 -9.91 13.84 -11.07
N ARG A 473 -9.53 12.74 -10.41
CA ARG A 473 -9.96 12.44 -9.05
C ARG A 473 -8.86 12.83 -8.06
N ARG A 474 -9.23 13.63 -7.05
CA ARG A 474 -8.24 14.06 -6.05
C ARG A 474 -8.02 12.97 -5.01
N ASP A 475 -6.76 12.76 -4.65
CA ASP A 475 -6.38 11.75 -3.68
C ASP A 475 -5.26 12.32 -2.82
N PRO A 476 -5.59 13.16 -1.84
CA PRO A 476 -4.55 13.87 -1.07
C PRO A 476 -3.58 12.89 -0.41
N PHE A 477 -2.28 13.08 -0.65
CA PHE A 477 -1.22 12.23 -0.11
C PHE A 477 -1.38 10.75 -0.45
N ALA A 478 -2.20 10.45 -1.45
CA ALA A 478 -2.62 9.07 -1.77
C ALA A 478 -3.27 8.39 -0.57
N MET A 479 -3.87 9.18 0.31
CA MET A 479 -4.44 8.68 1.56
C MET A 479 -5.95 8.76 1.61
N LEU A 480 -6.61 9.12 0.50
CA LEU A 480 -8.06 9.32 0.54
C LEU A 480 -8.81 8.11 1.11
N PRO A 481 -8.47 6.87 0.79
CA PRO A 481 -9.18 5.72 1.38
C PRO A 481 -8.66 5.27 2.73
N PHE A 482 -7.63 5.92 3.26
CA PHE A 482 -6.85 5.36 4.36
C PHE A 482 -6.65 6.28 5.55
N MET A 483 -7.17 7.50 5.51
CA MET A 483 -6.96 8.43 6.62
C MET A 483 -7.74 7.95 7.84
N GLY A 484 -7.05 7.81 8.96
CA GLY A 484 -7.71 7.38 10.20
C GLY A 484 -8.45 8.48 10.95
N TYR A 485 -8.38 9.71 10.50
CA TYR A 485 -9.01 10.85 11.19
C TYR A 485 -9.27 11.94 10.15
N ASN A 486 -9.62 13.15 10.61
CA ASN A 486 -10.05 14.18 9.67
C ASN A 486 -8.89 14.62 8.78
N MET A 487 -9.12 14.58 7.46
CA MET A 487 -8.08 14.86 6.47
C MET A 487 -7.45 16.22 6.69
N SER A 488 -8.25 17.22 7.07
CA SER A 488 -7.67 18.56 7.29
C SER A 488 -6.74 18.60 8.49
N ASP A 489 -7.05 17.83 9.55
CA ASP A 489 -6.14 17.74 10.69
C ASP A 489 -4.85 17.03 10.31
N TYR A 490 -4.93 16.09 9.37
CA TYR A 490 -3.75 15.40 8.86
C TYR A 490 -2.84 16.36 8.10
N PHE A 491 -3.43 17.21 7.25
CA PHE A 491 -2.62 18.27 6.64
C PHE A 491 -1.92 19.11 7.69
N GLN A 492 -2.64 19.46 8.76
CA GLN A 492 -2.03 20.24 9.83
C GLN A 492 -0.88 19.51 10.52
N HIS A 493 -1.02 18.20 10.70
CA HIS A 493 0.04 17.38 11.29
C HIS A 493 1.31 17.43 10.45
N TRP A 494 1.16 17.31 9.12
CA TRP A 494 2.31 17.46 8.24
C TRP A 494 2.96 18.83 8.38
N LEU A 495 2.15 19.89 8.43
CA LEU A 495 2.70 21.24 8.52
C LEU A 495 3.42 21.44 9.85
N ASP A 496 2.85 20.92 10.93
CA ASP A 496 3.43 21.14 12.25
C ASP A 496 4.69 20.32 12.44
N LEU A 497 4.72 19.10 11.90
CA LEU A 497 5.93 18.29 11.93
C LEU A 497 7.08 19.03 11.25
N GLY A 498 6.83 19.59 10.07
CA GLY A 498 7.89 20.30 9.37
C GLY A 498 8.36 21.52 10.14
N LYS A 499 7.43 22.24 10.73
CA LYS A 499 7.76 23.42 11.55
C LYS A 499 8.58 23.03 12.76
N LYS A 500 8.17 21.95 13.46
CA LYS A 500 8.86 21.55 14.67
C LYS A 500 10.27 21.05 14.35
N LEU A 501 10.42 20.32 13.25
CA LEU A 501 11.74 19.91 12.80
C LEU A 501 12.61 21.11 12.41
N ALA A 502 12.09 22.03 11.60
CA ALA A 502 12.89 23.17 11.19
C ALA A 502 13.30 24.00 12.41
N ALA A 503 12.44 24.01 13.43
CA ALA A 503 12.74 24.72 14.67
C ALA A 503 13.87 24.06 15.44
N SER A 504 14.13 22.79 15.19
CA SER A 504 15.27 22.14 15.82
C SER A 504 16.54 22.39 15.03
N GLY A 505 16.47 23.22 13.99
CA GLY A 505 17.58 23.46 13.10
C GLY A 505 17.62 22.54 11.91
N ALA A 506 16.85 21.46 11.93
CA ALA A 506 16.95 20.41 10.94
C ALA A 506 16.84 20.94 9.51
N THR A 507 17.45 20.19 8.60
CA THR A 507 17.20 20.36 7.18
C THR A 507 16.08 19.41 6.79
N LEU A 508 14.99 19.98 6.29
CA LEU A 508 13.85 19.18 5.95
C LEU A 508 14.08 18.49 4.60
N PRO A 509 13.54 17.29 4.45
CA PRO A 509 13.54 16.64 3.13
C PRO A 509 12.94 17.55 2.06
N LYS A 510 13.48 17.45 0.85
CA LYS A 510 12.87 18.10 -0.30
C LYS A 510 11.55 17.42 -0.60
N ILE A 511 10.63 18.15 -1.21
CA ILE A 511 9.38 17.55 -1.68
C ILE A 511 9.28 17.79 -3.18
N TYR A 512 8.96 16.73 -3.93
CA TYR A 512 8.79 16.79 -5.37
C TYR A 512 7.39 16.31 -5.72
N THR A 513 6.84 16.84 -6.82
CA THR A 513 5.74 16.18 -7.50
C THR A 513 6.23 15.67 -8.83
N THR A 514 5.81 14.46 -9.18
CA THR A 514 6.13 13.89 -10.47
C THR A 514 4.86 13.59 -11.25
N ASN A 515 5.01 13.46 -12.57
CA ASN A 515 3.92 13.07 -13.44
C ASN A 515 4.50 12.33 -14.64
N TRP A 516 4.35 11.00 -14.68
CA TRP A 516 4.89 10.24 -15.80
C TRP A 516 3.99 10.28 -17.03
N PHE A 517 2.82 10.91 -16.96
CA PHE A 517 1.72 10.59 -17.86
C PHE A 517 1.23 11.76 -18.69
N ARG A 518 2.04 12.80 -18.87
CA ARG A 518 1.72 13.86 -19.81
C ARG A 518 1.60 13.28 -21.21
N LYS A 519 0.59 13.75 -21.95
CA LYS A 519 0.35 13.30 -23.31
C LYS A 519 0.81 14.33 -24.32
N GLY A 520 1.30 13.85 -25.45
CA GLY A 520 1.75 14.71 -26.53
C GLY A 520 0.61 15.05 -27.47
N THR A 521 0.96 15.75 -28.54
CA THR A 521 -0.08 16.17 -29.47
C THR A 521 -0.75 15.00 -30.16
N ASP A 522 -0.16 13.80 -30.13
CA ASP A 522 -0.79 12.62 -30.70
C ASP A 522 -1.55 11.79 -29.67
N GLY A 523 -1.73 12.30 -28.45
CA GLY A 523 -2.48 11.58 -27.44
C GLY A 523 -1.74 10.44 -26.78
N LYS A 524 -0.47 10.22 -27.12
CA LYS A 524 0.35 9.18 -26.53
C LYS A 524 1.15 9.74 -25.38
N PHE A 525 1.57 8.87 -24.46
CA PHE A 525 2.48 9.30 -23.43
C PHE A 525 3.81 9.64 -24.05
N VAL A 526 4.34 10.80 -23.69
CA VAL A 526 5.63 11.24 -24.20
C VAL A 526 6.77 10.63 -23.41
N TRP A 527 6.64 10.60 -22.09
CA TRP A 527 7.72 10.10 -21.24
C TRP A 527 7.75 8.58 -21.24
N PRO A 528 8.90 7.96 -21.50
CA PRO A 528 8.91 6.48 -21.56
C PRO A 528 8.70 5.81 -20.21
N GLY A 529 9.10 6.47 -19.12
CA GLY A 529 8.79 5.92 -17.81
C GLY A 529 9.59 4.66 -17.51
N TYR A 530 9.08 3.91 -16.53
CA TYR A 530 9.70 2.68 -16.00
C TYR A 530 11.16 2.99 -15.67
N GLY A 531 12.13 2.24 -16.18
CA GLY A 531 13.51 2.48 -15.77
C GLY A 531 14.01 3.88 -16.08
N GLU A 532 13.44 4.53 -17.10
CA GLU A 532 13.89 5.86 -17.42
C GLU A 532 13.54 6.88 -16.34
N ASN A 533 12.64 6.53 -15.40
CA ASN A 533 12.39 7.41 -14.27
C ASN A 533 13.64 7.62 -13.42
N MET A 534 14.64 6.74 -13.56
CA MET A 534 15.93 6.98 -12.93
C MET A 534 16.49 8.36 -13.26
N ARG A 535 16.24 8.87 -14.48
CA ARG A 535 16.81 10.15 -14.88
C ARG A 535 16.22 11.31 -14.09
N VAL A 536 14.95 11.19 -13.70
CA VAL A 536 14.32 12.18 -12.84
C VAL A 536 14.80 12.02 -11.40
N LEU A 537 14.88 10.77 -10.92
CA LEU A 537 15.42 10.52 -9.59
C LEU A 537 16.83 11.08 -9.45
N ALA A 538 17.66 10.93 -10.49
CA ALA A 538 19.03 11.45 -10.41
C ALA A 538 19.07 12.97 -10.34
N TRP A 539 18.11 13.66 -10.98
CA TRP A 539 18.05 15.11 -10.81
C TRP A 539 17.70 15.46 -9.37
N MET A 540 16.75 14.74 -8.77
CA MET A 540 16.41 14.98 -7.37
C MET A 540 17.66 14.86 -6.51
N ILE A 541 18.47 13.83 -6.76
CA ILE A 541 19.71 13.63 -6.01
C ILE A 541 20.65 14.81 -6.21
N ASP A 542 20.83 15.25 -7.46
CA ASP A 542 21.66 16.43 -7.70
C ASP A 542 21.17 17.62 -6.89
N ARG A 543 19.85 17.80 -6.82
CA ARG A 543 19.29 18.90 -6.06
C ARG A 543 19.57 18.74 -4.58
N ILE A 544 19.39 17.54 -4.05
CA ILE A 544 19.66 17.28 -2.64
C ILE A 544 21.10 17.65 -2.30
N GLU A 545 22.04 17.35 -3.20
CA GLU A 545 23.44 17.69 -3.02
C GLU A 545 23.77 19.15 -3.28
N GLY A 546 22.81 19.93 -3.78
CA GLY A 546 23.08 21.31 -4.13
C GLY A 546 23.81 21.51 -5.44
N LYS A 547 23.89 20.48 -6.28
CA LYS A 547 24.59 20.57 -7.56
C LYS A 547 23.66 20.63 -8.77
N GLY A 548 22.37 20.32 -8.60
CA GLY A 548 21.43 20.35 -9.71
C GLY A 548 20.89 21.75 -9.94
N GLN A 549 20.71 22.09 -11.21
CA GLN A 549 20.14 23.38 -11.60
C GLN A 549 18.66 23.21 -11.97
N GLY A 550 17.97 24.35 -12.07
CA GLY A 550 16.58 24.30 -12.46
C GLY A 550 16.02 25.68 -12.74
N GLU A 551 14.80 25.67 -13.29
CA GLU A 551 14.07 26.87 -13.66
C GLU A 551 12.97 27.11 -12.65
N ASP A 552 12.97 28.29 -12.03
CA ASP A 552 11.90 28.69 -11.13
C ASP A 552 10.67 29.09 -11.95
N HIS A 553 9.52 28.52 -11.61
CA HIS A 553 8.27 28.84 -12.29
C HIS A 553 7.16 28.95 -11.26
N VAL A 554 5.93 29.03 -11.77
CA VAL A 554 4.76 29.40 -10.96
C VAL A 554 4.63 28.50 -9.74
N THR A 555 4.86 27.20 -9.89
CA THR A 555 4.59 26.27 -8.78
C THR A 555 5.84 25.71 -8.12
N GLY A 556 7.03 25.98 -8.64
CA GLY A 556 8.21 25.43 -8.01
C GLY A 556 9.39 25.50 -8.95
N ILE A 557 10.30 24.55 -8.80
CA ILE A 557 11.50 24.51 -9.61
C ILE A 557 11.50 23.22 -10.41
N SER A 558 11.71 23.32 -11.73
CA SER A 558 11.79 22.14 -12.58
C SER A 558 13.11 22.13 -13.36
N PRO A 559 13.64 20.96 -13.66
CA PRO A 559 14.85 20.90 -14.48
C PRO A 559 14.60 21.42 -15.87
N SER A 560 15.65 21.97 -16.47
CA SER A 560 15.70 22.14 -17.91
C SER A 560 16.21 20.86 -18.56
N TYR A 561 16.01 20.77 -19.87
CA TYR A 561 16.49 19.59 -20.60
C TYR A 561 17.95 19.30 -20.28
N GLU A 562 18.79 20.34 -20.30
CA GLU A 562 20.22 20.15 -20.09
C GLU A 562 20.58 19.67 -18.68
N ASP A 563 19.64 19.68 -17.73
CA ASP A 563 19.95 19.31 -16.35
C ASP A 563 19.81 17.83 -16.08
N LEU A 564 19.35 17.05 -17.07
CA LEU A 564 19.19 15.62 -16.92
C LEU A 564 20.22 14.88 -17.76
N ASN A 565 20.49 13.65 -17.36
CA ASN A 565 21.41 12.75 -18.05
C ASN A 565 20.64 11.94 -19.09
N TRP A 566 20.93 12.18 -20.38
CA TRP A 566 20.24 11.50 -21.47
C TRP A 566 21.04 10.36 -22.07
N THR A 567 22.22 10.07 -21.53
CA THR A 567 23.01 8.95 -22.03
C THR A 567 22.22 7.66 -22.05
N GLY A 568 22.13 7.05 -23.23
CA GLY A 568 21.39 5.82 -23.39
C GLY A 568 19.90 5.97 -23.69
N LEU A 569 19.43 7.18 -23.95
CA LEU A 569 18.02 7.40 -24.26
C LEU A 569 17.87 8.46 -25.34
N ASP A 570 17.21 8.12 -26.43
CA ASP A 570 16.90 9.11 -27.46
C ASP A 570 15.63 9.85 -27.05
N PHE A 571 15.79 11.04 -26.50
CA PHE A 571 14.68 11.84 -26.01
C PHE A 571 15.03 13.29 -26.25
N SER A 572 14.18 14.00 -26.98
CA SER A 572 14.55 15.30 -27.50
C SER A 572 14.15 16.43 -26.56
N ALA A 573 14.75 17.60 -26.81
CA ALA A 573 14.42 18.78 -26.02
C ALA A 573 12.94 19.13 -26.14
N ASP A 574 12.37 19.00 -27.35
CA ASP A 574 10.96 19.30 -27.52
C ASP A 574 10.08 18.31 -26.78
N GLN A 575 10.44 17.01 -26.80
CA GLN A 575 9.72 16.02 -25.98
C GLN A 575 9.78 16.40 -24.51
N PHE A 576 10.98 16.78 -24.04
CA PHE A 576 11.14 17.15 -22.65
C PHE A 576 10.28 18.36 -22.29
N ASN A 577 10.35 19.43 -23.10
CA ASN A 577 9.58 20.63 -22.80
C ASN A 577 8.08 20.36 -22.90
N THR A 578 7.68 19.40 -23.75
CA THR A 578 6.28 19.01 -23.84
C THR A 578 5.76 18.45 -22.51
N VAL A 579 6.60 17.71 -21.78
CA VAL A 579 6.15 17.13 -20.51
C VAL A 579 6.53 17.98 -19.31
N THR A 580 7.40 18.98 -19.46
CA THR A 580 7.87 19.72 -18.30
C THR A 580 7.46 21.18 -18.23
N SER A 581 7.08 21.80 -19.36
CA SER A 581 6.80 23.23 -19.30
C SER A 581 5.45 23.50 -18.65
N ILE A 582 5.35 24.65 -18.01
CA ILE A 582 4.14 25.03 -17.30
C ILE A 582 3.41 26.06 -18.13
N ASP A 583 2.08 26.04 -18.05
CA ASP A 583 1.24 26.98 -18.78
C ASP A 583 0.32 27.69 -17.81
N LYS A 584 0.24 29.01 -17.92
CA LYS A 584 -0.54 29.77 -16.95
C LYS A 584 -2.04 29.49 -17.09
N ALA A 585 -2.54 29.37 -18.32
CA ALA A 585 -3.96 29.09 -18.49
C ALA A 585 -4.33 27.77 -17.83
N ALA A 586 -3.50 26.74 -18.02
CA ALA A 586 -3.79 25.43 -17.45
C ALA A 586 -3.82 25.49 -15.93
N TRP A 587 -2.92 26.29 -15.33
CA TRP A 587 -2.87 26.32 -13.88
C TRP A 587 -3.99 27.16 -13.28
N LEU A 588 -4.47 28.18 -14.00
CA LEU A 588 -5.68 28.86 -13.55
C LEU A 588 -6.85 27.89 -13.46
N LYS A 589 -7.02 27.04 -14.48
CA LYS A 589 -8.07 26.02 -14.41
C LYS A 589 -7.81 25.04 -13.27
N GLU A 590 -6.54 24.66 -13.07
CA GLU A 590 -6.20 23.72 -12.02
C GLU A 590 -6.54 24.27 -10.65
N LEU A 591 -6.26 25.56 -10.42
CA LEU A 591 -6.57 26.17 -9.13
C LEU A 591 -8.07 26.20 -8.88
N GLU A 592 -8.89 26.34 -9.93
CA GLU A 592 -10.33 26.20 -9.74
C GLU A 592 -10.68 24.82 -9.19
N LEU A 593 -9.99 23.77 -9.68
CA LEU A 593 -10.25 22.43 -9.19
C LEU A 593 -9.77 22.28 -7.75
N HIS A 594 -8.67 22.94 -7.38
CA HIS A 594 -8.25 22.94 -5.99
C HIS A 594 -9.30 23.60 -5.10
N ALA A 595 -9.88 24.71 -5.57
CA ALA A 595 -10.95 25.36 -4.80
C ALA A 595 -12.10 24.41 -4.53
N GLU A 596 -12.48 23.62 -5.54
CA GLU A 596 -13.55 22.65 -5.36
C GLU A 596 -13.18 21.61 -4.31
N LEU A 597 -11.94 21.10 -4.37
CA LEU A 597 -11.48 20.17 -3.33
C LEU A 597 -11.56 20.80 -1.95
N PHE A 598 -11.12 22.04 -1.82
CA PHE A 598 -11.12 22.69 -0.52
C PHE A 598 -12.54 22.91 0.00
N LYS A 599 -13.49 23.19 -0.89
CA LYS A 599 -14.89 23.22 -0.48
C LYS A 599 -15.33 21.85 0.05
N GLN A 600 -14.95 20.77 -0.65
CA GLN A 600 -15.35 19.44 -0.21
C GLN A 600 -14.75 19.08 1.15
N LEU A 601 -13.57 19.61 1.44
CA LEU A 601 -12.97 19.52 2.75
C LEU A 601 -13.47 20.61 3.69
N GLU A 602 -14.65 21.17 3.33
CA GLU A 602 -15.48 22.02 4.18
C GLU A 602 -14.70 23.19 4.81
N HIS A 603 -13.59 23.57 4.18
CA HIS A 603 -12.83 24.78 4.53
C HIS A 603 -12.33 24.79 5.97
N HIS A 604 -12.19 23.63 6.60
CA HIS A 604 -11.47 23.52 7.86
C HIS A 604 -9.97 23.39 7.64
N LEU A 605 -9.53 23.83 6.51
CA LEU A 605 -8.18 23.60 6.06
C LEU A 605 -7.20 24.51 6.77
N PRO A 606 -5.95 24.09 6.86
CA PRO A 606 -4.91 24.95 7.41
C PRO A 606 -4.77 26.23 6.61
N LYS A 607 -4.59 27.36 7.32
CA LYS A 607 -4.46 28.64 6.63
C LYS A 607 -3.29 28.64 5.64
N GLU A 608 -2.23 27.87 5.95
CA GLU A 608 -1.07 27.84 5.07
C GLU A 608 -1.42 27.34 3.67
N LEU A 609 -2.40 26.44 3.56
CA LEU A 609 -2.79 26.00 2.22
C LEU A 609 -3.47 27.12 1.45
N GLY A 610 -4.24 27.96 2.15
CA GLY A 610 -4.83 29.12 1.49
C GLY A 610 -3.78 30.13 1.06
N GLU A 611 -2.75 30.32 1.89
CA GLU A 611 -1.68 31.24 1.53
C GLU A 611 -0.89 30.73 0.33
N THR A 612 -0.69 29.40 0.23
CA THR A 612 0.00 28.89 -0.94
C THR A 612 -0.81 29.09 -2.20
N LYS A 613 -2.11 28.81 -2.13
CA LYS A 613 -2.97 29.01 -3.30
C LYS A 613 -2.92 30.47 -3.73
N ALA A 614 -2.96 31.38 -2.76
CA ALA A 614 -2.91 32.81 -3.09
C ALA A 614 -1.59 33.19 -3.74
N GLU A 615 -0.48 32.56 -3.32
CA GLU A 615 0.82 32.89 -3.90
C GLU A 615 0.95 32.33 -5.33
N ILE A 616 0.42 31.14 -5.57
CA ILE A 616 0.38 30.65 -6.95
C ILE A 616 -0.42 31.61 -7.81
N GLU A 617 -1.60 32.03 -7.32
CA GLU A 617 -2.44 32.95 -8.08
C GLU A 617 -1.70 34.24 -8.39
N ARG A 618 -0.90 34.74 -7.44
CA ARG A 618 -0.13 35.96 -7.66
C ARG A 618 0.93 35.75 -8.74
N ARG A 619 1.61 34.60 -8.73
CA ARG A 619 2.59 34.30 -9.77
C ARG A 619 1.93 34.14 -11.13
N LEU A 620 0.70 33.62 -11.17
CA LEU A 620 0.00 33.44 -12.44
C LEU A 620 -0.39 34.77 -13.05
N ALA A 621 -0.64 35.77 -12.22
CA ALA A 621 -1.09 37.09 -12.68
C ALA A 621 0.04 38.09 -12.80
N ALA A 622 1.27 37.72 -12.49
CA ALA A 622 2.40 38.62 -12.62
C ALA A 622 2.96 38.58 -14.03
MN MN B . -1.38 0.61 -1.35
C1 PEP C . -7.41 -4.56 -2.23
O1 PEP C . -8.25 -4.35 -3.10
O2' PEP C . -7.43 -5.59 -1.41
C2 PEP C . -6.31 -3.62 -1.98
C3 PEP C . -5.35 -3.81 -1.09
O2 PEP C . -6.44 -2.55 -2.84
P PEP C . -5.37 -1.37 -3.03
O1P PEP C . -4.04 -1.97 -3.37
O2P PEP C . -5.39 -0.59 -1.74
O3P PEP C . -5.94 -0.53 -4.16
C1 PEG D . -13.40 14.81 -0.85
O1 PEG D . -14.74 14.73 -0.39
C2 PEG D . -13.04 13.62 -1.69
O2 PEG D . -12.18 14.02 -2.75
C3 PEG D . -12.23 13.16 -3.87
C4 PEG D . -13.56 13.28 -4.53
O4 PEG D . -13.70 12.33 -5.57
C1 PEG E . 10.91 4.53 13.19
O1 PEG E . 11.96 5.48 13.26
C2 PEG E . 9.59 5.18 12.88
O2 PEG E . 8.54 4.46 13.50
C3 PEG E . 7.86 5.21 14.50
C4 PEG E . 7.15 4.30 15.46
O4 PEG E . 7.26 4.75 16.80
#